data_6R3D
#
_entry.id   6R3D
#
_cell.length_a   68.622
_cell.length_b   68.622
_cell.length_c   285.132
_cell.angle_alpha   90.00
_cell.angle_beta   90.00
_cell.angle_gamma   120.00
#
_symmetry.space_group_name_H-M   'P 65 2 2'
#
loop_
_entity.id
_entity.type
_entity.pdbx_description
1 polymer 'Dual specificity protein kinase CLK1'
2 non-polymer 4-[6,7-bis(chloranyl)-1~{H}-indol-3-yl]pyrimidin-2-amine
3 water water
#
_entity_poly.entity_id   1
_entity_poly.type   'polypeptide(L)'
_entity_poly.pdbx_seq_one_letter_code
;HLICQSGDVLSARYEIVDTLGEGAFGKVVECIDHKAGGRHVAVKIVKNVDRYCEAARSEIQVLEHLNTTDPNSTFRCVQM
LEWFEHHGHICIVFELLGLSTYDFIKENGFLPFRLDHIRKMAYQICKSVNFLHSNKLTHTDLKPENILFVQSDYTEAYNP
KIKRDERTLINPDIKVVDFGSATYDDEHHSTLVSTRHYRAPEVILALGWSQPCDVWSIGCILIEYYLGFTVFPTHDSKEH
LAMMERILGPLPKHMIQKTRKRKYFHHDRLDWDEHSSAGRYVSRRCKPLKEFMLSQDVEHERLFDLIQKMLEYDPAKRIT
LREALKHPFFDLLKKSI
;
_entity_poly.pdbx_strand_id   A
#
loop_
_chem_comp.id
_chem_comp.type
_chem_comp.name
_chem_comp.formula
JQW non-polymer 4-[6,7-bis(chloranyl)-1~{H}-indol-3-yl]pyrimidin-2-amine 'C12 H8 Cl2 N4'
#
# COMPACT_ATOMS: atom_id res chain seq x y z
N GLN A 5 -19.26 -11.25 16.93
CA GLN A 5 -19.49 -12.49 16.14
C GLN A 5 -18.49 -13.64 16.40
N SER A 6 -17.42 -13.42 17.18
CA SER A 6 -16.55 -14.54 17.68
C SER A 6 -17.43 -15.68 18.24
N GLY A 7 -17.06 -16.91 17.88
CA GLY A 7 -17.94 -18.07 18.11
C GLY A 7 -18.90 -18.41 16.96
N ASP A 8 -19.20 -17.47 16.04
CA ASP A 8 -20.10 -17.81 14.88
C ASP A 8 -19.47 -18.84 13.90
N VAL A 9 -20.32 -19.49 13.14
CA VAL A 9 -19.86 -20.53 12.22
C VAL A 9 -20.42 -20.21 10.83
N LEU A 10 -19.57 -20.32 9.81
CA LEU A 10 -19.88 -19.89 8.45
C LEU A 10 -19.89 -21.12 7.56
N SER A 11 -20.93 -21.28 6.75
CA SER A 11 -20.98 -22.37 5.75
C SER A 11 -20.65 -23.72 6.44
N ALA A 12 -21.09 -23.84 7.69
CA ALA A 12 -20.99 -25.07 8.51
C ALA A 12 -19.61 -25.63 8.77
N ARG A 13 -18.53 -24.88 8.52
CA ARG A 13 -17.19 -25.43 8.83
C ARG A 13 -16.20 -24.47 9.45
N TYR A 14 -16.40 -23.16 9.29
CA TYR A 14 -15.42 -22.18 9.68
C TYR A 14 -15.87 -21.50 10.95
N GLU A 15 -15.17 -21.77 12.04
CA GLU A 15 -15.45 -21.07 13.30
C GLU A 15 -14.55 -19.87 13.52
N ILE A 16 -15.19 -18.70 13.66
CA ILE A 16 -14.49 -17.46 13.91
C ILE A 16 -13.84 -17.54 15.28
N VAL A 17 -12.55 -17.21 15.33
CA VAL A 17 -11.82 -17.17 16.60
C VAL A 17 -11.07 -15.86 16.87
N ASP A 18 -11.00 -14.93 15.92
CA ASP A 18 -10.31 -13.68 16.15
C ASP A 18 -10.61 -12.71 15.00
N THR A 19 -10.39 -11.42 15.25
CA THR A 19 -10.44 -10.41 14.20
C THR A 19 -9.05 -10.05 13.76
N LEU A 20 -8.83 -10.15 12.46
CA LEU A 20 -7.53 -9.83 11.87
C LEU A 20 -7.46 -8.41 11.33
N GLY A 21 -8.55 -7.92 10.80
CA GLY A 21 -8.56 -6.60 10.21
C GLY A 21 -9.98 -6.17 10.01
N GLU A 22 -10.13 -4.90 9.63
CA GLU A 22 -11.42 -4.23 9.65
C GLU A 22 -11.38 -3.04 8.71
N GLY A 23 -12.54 -2.64 8.21
CA GLY A 23 -12.59 -1.66 7.14
C GLY A 23 -14.00 -1.24 6.78
N ALA A 24 -14.07 -0.33 5.82
CA ALA A 24 -15.34 0.11 5.23
C ALA A 24 -16.20 -1.10 4.89
N PHE A 25 -15.57 -2.03 4.17
CA PHE A 25 -16.17 -3.26 3.68
C PHE A 25 -16.79 -4.21 4.71
N GLY A 26 -16.27 -4.24 5.93
CA GLY A 26 -16.60 -5.33 6.85
C GLY A 26 -15.37 -5.71 7.68
N LYS A 27 -15.11 -7.02 7.82
CA LYS A 27 -13.94 -7.47 8.58
C LYS A 27 -13.33 -8.73 7.98
N VAL A 28 -12.06 -8.95 8.37
CA VAL A 28 -11.40 -10.18 8.10
C VAL A 28 -11.18 -10.85 9.44
N VAL A 29 -11.49 -12.14 9.49
CA VAL A 29 -11.44 -12.92 10.73
C VAL A 29 -10.64 -14.18 10.53
N GLU A 30 -9.97 -14.58 11.60
CA GLU A 30 -9.28 -15.86 11.68
C GLU A 30 -10.32 -16.89 12.03
N CYS A 31 -10.38 -17.99 11.28
CA CYS A 31 -11.28 -19.09 11.62
C CYS A 31 -10.57 -20.41 11.77
N ILE A 32 -11.14 -21.26 12.63
CA ILE A 32 -10.85 -22.70 12.60
C ILE A 32 -11.69 -23.38 11.53
N ASP A 33 -11.04 -24.23 10.74
CA ASP A 33 -11.69 -25.06 9.71
C ASP A 33 -11.91 -26.44 10.25
N HIS A 34 -13.12 -26.66 10.77
CA HIS A 34 -13.50 -27.91 11.41
C HIS A 34 -13.51 -29.10 10.45
N LYS A 35 -13.62 -28.83 9.15
CA LYS A 35 -13.55 -29.90 8.18
C LYS A 35 -12.14 -30.23 7.67
N ALA A 36 -11.13 -29.40 7.93
CA ALA A 36 -9.73 -29.73 7.59
C ALA A 36 -8.82 -29.75 8.82
N GLY A 37 -9.20 -30.63 9.74
CA GLY A 37 -8.35 -31.01 10.86
C GLY A 37 -8.04 -29.86 11.81
N GLY A 38 -8.94 -28.87 11.84
CA GLY A 38 -8.80 -27.70 12.69
C GLY A 38 -7.77 -26.64 12.34
N ARG A 39 -7.03 -26.73 11.22
CA ARG A 39 -5.98 -25.73 10.89
C ARG A 39 -6.63 -24.38 10.52
N HIS A 40 -5.87 -23.27 10.49
CA HIS A 40 -6.55 -21.97 10.51
C HIS A 40 -6.50 -21.26 9.17
N VAL A 41 -7.55 -20.51 8.88
CA VAL A 41 -7.64 -19.74 7.67
C VAL A 41 -8.09 -18.33 7.97
N ALA A 42 -8.00 -17.47 6.95
CA ALA A 42 -8.55 -16.14 7.04
C ALA A 42 -9.82 -16.05 6.23
N VAL A 43 -10.81 -15.29 6.71
CA VAL A 43 -12.06 -15.11 5.99
C VAL A 43 -12.46 -13.66 6.01
N LYS A 44 -12.73 -13.10 4.83
CA LYS A 44 -13.16 -11.74 4.72
C LYS A 44 -14.67 -11.81 4.62
N ILE A 45 -15.38 -11.12 5.52
CA ILE A 45 -16.84 -11.17 5.55
C ILE A 45 -17.28 -9.79 5.17
N VAL A 46 -17.98 -9.64 4.05
CA VAL A 46 -18.31 -8.32 3.53
C VAL A 46 -19.70 -7.88 4.03
N LYS A 47 -19.86 -6.61 4.34
CA LYS A 47 -21.17 -6.06 4.78
C LYS A 47 -22.25 -6.32 3.71
N ASN A 48 -23.48 -6.57 4.15
CA ASN A 48 -24.61 -6.80 3.23
C ASN A 48 -25.15 -5.44 2.75
N VAL A 49 -24.34 -4.74 1.97
CA VAL A 49 -24.61 -3.39 1.49
C VAL A 49 -24.04 -3.38 0.07
N ASP A 50 -24.77 -2.72 -0.85
CA ASP A 50 -24.50 -2.84 -2.31
C ASP A 50 -23.07 -2.61 -2.70
N ARG A 51 -22.55 -1.45 -2.33
CA ARG A 51 -21.25 -1.05 -2.85
C ARG A 51 -20.17 -2.01 -2.39
N TYR A 52 -20.36 -2.61 -1.21
CA TYR A 52 -19.36 -3.55 -0.70
C TYR A 52 -19.54 -4.94 -1.33
N CYS A 53 -20.79 -5.39 -1.49
CA CYS A 53 -21.08 -6.59 -2.28
C CYS A 53 -20.42 -6.57 -3.65
N GLU A 54 -20.55 -5.45 -4.36
CA GLU A 54 -20.04 -5.33 -5.77
C GLU A 54 -18.52 -5.41 -5.85
N ALA A 55 -17.89 -4.67 -4.95
CA ALA A 55 -16.41 -4.73 -4.77
C ALA A 55 -15.96 -6.18 -4.51
N ALA A 56 -16.64 -6.82 -3.54
CA ALA A 56 -16.37 -8.22 -3.25
C ALA A 56 -16.49 -9.14 -4.48
N ARG A 57 -17.59 -9.06 -5.21
CA ARG A 57 -17.72 -9.83 -6.48
C ARG A 57 -16.57 -9.53 -7.44
N SER A 58 -16.23 -8.26 -7.57
CA SER A 58 -15.14 -7.83 -8.44
C SER A 58 -13.80 -8.43 -7.97
N GLU A 59 -13.60 -8.46 -6.66
CA GLU A 59 -12.40 -9.02 -6.03
C GLU A 59 -12.29 -10.49 -6.37
N ILE A 60 -13.42 -11.17 -6.26
CA ILE A 60 -13.46 -12.60 -6.57
C ILE A 60 -13.09 -12.83 -8.02
N GLN A 61 -13.61 -12.04 -8.95
CA GLN A 61 -13.23 -12.20 -10.36
C GLN A 61 -11.74 -11.98 -10.59
N VAL A 62 -11.18 -10.93 -9.97
CA VAL A 62 -9.74 -10.67 -10.08
C VAL A 62 -8.93 -11.81 -9.49
N LEU A 63 -9.30 -12.27 -8.29
CA LEU A 63 -8.59 -13.41 -7.66
C LEU A 63 -8.62 -14.73 -8.44
N GLU A 64 -9.78 -15.08 -9.01
CA GLU A 64 -9.88 -16.22 -9.92
C GLU A 64 -8.97 -16.05 -11.12
N HIS A 65 -8.93 -14.85 -11.68
CA HIS A 65 -8.02 -14.56 -12.83
C HIS A 65 -6.58 -14.76 -12.40
N LEU A 66 -6.19 -14.06 -11.35
CA LEU A 66 -4.83 -14.15 -10.86
C LEU A 66 -4.43 -15.50 -10.37
N ASN A 67 -5.30 -16.16 -9.62
CA ASN A 67 -4.97 -17.46 -9.08
C ASN A 67 -4.85 -18.50 -10.21
N THR A 68 -5.61 -18.37 -11.29
CA THR A 68 -5.49 -19.27 -12.48
C THR A 68 -4.22 -19.02 -13.30
N THR A 69 -3.86 -17.74 -13.47
CA THR A 69 -2.60 -17.42 -14.12
C THR A 69 -1.34 -17.81 -13.34
N ASP A 70 -1.41 -17.68 -12.02
CA ASP A 70 -0.28 -17.90 -11.12
C ASP A 70 -0.74 -18.78 -9.91
N PRO A 71 -1.07 -20.04 -10.15
CA PRO A 71 -1.62 -20.88 -9.06
C PRO A 71 -0.71 -21.01 -7.84
N ASN A 72 0.60 -20.85 -8.02
CA ASN A 72 1.56 -20.95 -6.91
C ASN A 72 1.94 -19.64 -6.28
N SER A 73 1.29 -18.56 -6.69
CA SER A 73 1.54 -17.27 -6.10
C SER A 73 3.07 -16.94 -6.21
N THR A 74 3.71 -17.28 -7.34
CA THR A 74 5.04 -16.76 -7.64
C THR A 74 5.14 -15.25 -7.53
N PHE A 75 4.09 -14.57 -7.97
CA PHE A 75 4.02 -13.12 -7.91
C PHE A 75 3.36 -12.53 -6.65
N ARG A 76 3.19 -13.35 -5.63
CA ARG A 76 2.94 -12.87 -4.28
C ARG A 76 1.59 -12.19 -4.09
N CYS A 77 0.61 -12.53 -4.92
CA CYS A 77 -0.76 -12.13 -4.62
C CYS A 77 -1.35 -13.15 -3.69
N VAL A 78 -2.21 -12.69 -2.80
CA VAL A 78 -2.85 -13.57 -1.81
C VAL A 78 -3.67 -14.66 -2.54
N GLN A 79 -3.67 -15.85 -1.98
CA GLN A 79 -4.39 -16.97 -2.56
C GLN A 79 -5.78 -17.11 -1.94
N MET A 80 -6.80 -16.97 -2.78
CA MET A 80 -8.17 -17.30 -2.42
C MET A 80 -8.38 -18.78 -2.52
N LEU A 81 -8.90 -19.39 -1.45
CA LEU A 81 -9.10 -20.83 -1.39
C LEU A 81 -10.50 -21.24 -1.82
N GLU A 82 -11.49 -20.43 -1.46
CA GLU A 82 -12.88 -20.61 -1.87
C GLU A 82 -13.65 -19.36 -1.52
N TRP A 83 -14.88 -19.29 -2.00
CA TRP A 83 -15.79 -18.23 -1.60
C TRP A 83 -17.20 -18.71 -1.52
N PHE A 84 -18.01 -18.01 -0.73
CA PHE A 84 -19.41 -18.38 -0.53
C PHE A 84 -20.21 -17.23 0.08
N GLU A 85 -21.54 -17.42 0.17
CA GLU A 85 -22.47 -16.46 0.84
C GLU A 85 -23.01 -17.02 2.16
N HIS A 86 -23.30 -16.15 3.12
CA HIS A 86 -23.71 -16.55 4.48
C HIS A 86 -24.46 -15.42 5.20
N HIS A 87 -25.79 -15.54 5.35
CA HIS A 87 -26.68 -14.45 5.85
C HIS A 87 -26.57 -13.23 4.94
N GLY A 88 -26.55 -13.46 3.62
CA GLY A 88 -26.32 -12.40 2.60
C GLY A 88 -25.02 -11.56 2.67
N HIS A 89 -23.99 -12.09 3.35
CA HIS A 89 -22.65 -11.53 3.33
C HIS A 89 -21.83 -12.39 2.40
N ILE A 90 -21.07 -11.79 1.47
CA ILE A 90 -20.08 -12.55 0.71
C ILE A 90 -18.86 -12.86 1.59
N CYS A 91 -18.44 -14.09 1.60
CA CYS A 91 -17.31 -14.52 2.38
C CYS A 91 -16.21 -15.07 1.49
N ILE A 92 -15.01 -14.52 1.62
CA ILE A 92 -13.84 -15.01 0.84
C ILE A 92 -12.84 -15.61 1.80
N VAL A 93 -12.48 -16.87 1.57
CA VAL A 93 -11.50 -17.61 2.35
C VAL A 93 -10.12 -17.53 1.69
N PHE A 94 -9.12 -17.13 2.50
CA PHE A 94 -7.75 -17.02 2.09
C PHE A 94 -6.85 -17.90 2.95
N GLU A 95 -5.73 -18.32 2.38
CA GLU A 95 -4.58 -18.78 3.14
C GLU A 95 -4.34 -17.78 4.27
N LEU A 96 -4.03 -18.26 5.47
CA LEU A 96 -3.79 -17.34 6.58
C LEU A 96 -2.37 -16.74 6.52
N LEU A 97 -2.28 -15.44 6.42
CA LEU A 97 -1.00 -14.73 6.53
C LEU A 97 -0.76 -14.21 7.98
N GLY A 98 0.38 -13.55 8.19
CA GLY A 98 0.72 -12.90 9.44
C GLY A 98 0.34 -11.44 9.45
N LEU A 99 1.00 -10.64 10.30
CA LEU A 99 0.62 -9.23 10.48
C LEU A 99 0.89 -8.47 9.21
N SER A 100 0.15 -7.39 9.06
CA SER A 100 0.43 -6.41 8.07
C SER A 100 1.76 -5.71 8.40
N THR A 101 2.41 -5.14 7.39
CA THR A 101 3.63 -4.36 7.58
C THR A 101 3.37 -3.14 8.50
N TYR A 102 2.20 -2.51 8.35
CA TYR A 102 1.81 -1.47 9.28
C TYR A 102 1.78 -1.97 10.73
N ASP A 103 1.04 -3.04 10.99
CA ASP A 103 1.01 -3.56 12.35
C ASP A 103 2.34 -3.99 12.91
N PHE A 104 3.25 -4.49 12.06
CA PHE A 104 4.54 -4.90 12.59
C PHE A 104 5.36 -3.70 13.04
N ILE A 105 5.34 -2.63 12.24
CA ILE A 105 6.00 -1.40 12.58
C ILE A 105 5.44 -0.82 13.90
N LYS A 106 4.13 -0.67 13.96
CA LYS A 106 3.46 -0.18 15.17
C LYS A 106 3.85 -1.01 16.40
N GLU A 107 3.73 -2.32 16.28
CA GLU A 107 4.18 -3.22 17.36
C GLU A 107 5.63 -3.07 17.79
N ASN A 108 6.47 -2.51 16.91
CA ASN A 108 7.88 -2.30 17.17
C ASN A 108 8.14 -0.87 17.63
N GLY A 109 7.11 -0.04 17.89
CA GLY A 109 7.32 1.32 18.33
C GLY A 109 7.63 2.31 17.24
N PHE A 110 7.18 2.02 16.02
CA PHE A 110 7.49 2.85 14.85
C PHE A 110 8.99 2.94 14.53
N LEU A 111 9.75 1.95 14.96
CA LEU A 111 11.12 1.78 14.48
C LEU A 111 11.03 1.37 13.03
N PRO A 112 11.76 2.06 12.15
CA PRO A 112 11.73 1.67 10.75
C PRO A 112 12.34 0.30 10.47
N PHE A 113 12.09 -0.25 9.27
CA PHE A 113 12.70 -1.52 8.88
C PHE A 113 14.15 -1.26 8.47
N ARG A 114 15.04 -2.21 8.78
CA ARG A 114 16.43 -2.18 8.25
C ARG A 114 16.45 -2.24 6.75
N LEU A 115 17.47 -1.65 6.14
CA LEU A 115 17.55 -1.48 4.69
C LEU A 115 17.60 -2.79 3.94
N ASP A 116 18.20 -3.82 4.51
CA ASP A 116 18.24 -5.11 3.85
C ASP A 116 16.83 -5.70 3.72
N HIS A 117 16.03 -5.60 4.79
CA HIS A 117 14.64 -6.02 4.76
C HIS A 117 13.82 -5.16 3.81
N ILE A 118 14.07 -3.85 3.79
CA ILE A 118 13.35 -2.94 2.89
C ILE A 118 13.58 -3.27 1.39
N ARG A 119 14.83 -3.55 1.03
CA ARG A 119 15.15 -4.05 -0.31
C ARG A 119 14.34 -5.25 -0.70
N LYS A 120 14.23 -6.26 0.19
CA LYS A 120 13.55 -7.52 -0.10
C LYS A 120 12.03 -7.31 -0.27
N MET A 121 11.45 -6.48 0.61
CA MET A 121 10.03 -6.19 0.61
C MET A 121 9.68 -5.38 -0.60
N ALA A 122 10.49 -4.38 -0.90
CA ALA A 122 10.22 -3.50 -2.02
C ALA A 122 10.25 -4.29 -3.31
N TYR A 123 11.18 -5.24 -3.36
CA TYR A 123 11.30 -6.02 -4.57
C TYR A 123 9.99 -6.79 -4.83
N GLN A 124 9.58 -7.55 -3.82
CA GLN A 124 8.42 -8.41 -3.82
C GLN A 124 7.17 -7.63 -4.06
N ILE A 125 7.08 -6.44 -3.49
CA ILE A 125 5.93 -5.56 -3.77
C ILE A 125 5.90 -5.12 -5.22
N CYS A 126 7.03 -4.66 -5.75
CA CYS A 126 7.10 -4.27 -7.17
C CYS A 126 6.83 -5.45 -8.09
N LYS A 127 7.35 -6.64 -7.76
CA LYS A 127 7.15 -7.88 -8.58
C LYS A 127 5.63 -8.24 -8.65
N SER A 128 4.98 -8.24 -7.48
CA SER A 128 3.54 -8.41 -7.34
C SER A 128 2.68 -7.42 -8.13
N VAL A 129 2.94 -6.17 -7.92
CA VAL A 129 2.16 -5.17 -8.57
C VAL A 129 2.48 -5.08 -10.08
N ASN A 130 3.72 -5.37 -10.45
CA ASN A 130 4.01 -5.43 -11.87
C ASN A 130 3.26 -6.57 -12.61
N PHE A 131 3.09 -7.70 -11.93
CA PHE A 131 2.23 -8.78 -12.40
C PHE A 131 0.83 -8.26 -12.68
N LEU A 132 0.24 -7.50 -11.73
CA LEU A 132 -1.04 -6.86 -12.00
C LEU A 132 -0.98 -5.98 -13.23
N HIS A 133 0.04 -5.15 -13.27
CA HIS A 133 0.16 -4.16 -14.37
C HIS A 133 0.30 -4.89 -15.74
N SER A 134 0.99 -6.04 -15.73
CA SER A 134 1.13 -6.90 -16.96
C SER A 134 -0.16 -7.53 -17.42
N ASN A 135 -1.18 -7.54 -16.56
CA ASN A 135 -2.46 -8.16 -16.82
C ASN A 135 -3.55 -7.14 -16.85
N LYS A 136 -3.21 -5.92 -17.25
CA LYS A 136 -4.17 -4.87 -17.48
C LYS A 136 -4.97 -4.49 -16.22
N LEU A 137 -4.31 -4.50 -15.08
CA LEU A 137 -4.95 -4.15 -13.79
C LEU A 137 -4.15 -3.04 -13.14
N THR A 138 -4.85 -2.21 -12.35
CA THR A 138 -4.25 -1.25 -11.42
C THR A 138 -4.88 -1.55 -10.00
N HIS A 139 -4.04 -1.67 -8.96
CA HIS A 139 -4.53 -2.01 -7.60
C HIS A 139 -5.39 -0.86 -7.04
N THR A 140 -4.84 0.36 -7.08
CA THR A 140 -5.37 1.64 -6.66
C THR A 140 -5.39 1.98 -5.14
N ASP A 141 -5.13 1.02 -4.31
CA ASP A 141 -5.17 1.23 -2.86
C ASP A 141 -4.05 0.53 -2.15
N LEU A 142 -2.84 0.73 -2.67
CA LEU A 142 -1.67 0.18 -2.01
C LEU A 142 -1.33 1.00 -0.76
N LYS A 143 -1.00 0.32 0.33
CA LYS A 143 -0.62 0.96 1.58
C LYS A 143 -0.11 -0.14 2.51
N PRO A 144 0.62 0.19 3.60
CA PRO A 144 1.22 -0.85 4.48
C PRO A 144 0.26 -1.79 5.09
N GLU A 145 -0.98 -1.35 5.29
CA GLU A 145 -2.01 -2.20 5.86
C GLU A 145 -2.38 -3.33 4.89
N ASN A 146 -2.16 -3.14 3.59
CA ASN A 146 -2.52 -4.12 2.56
C ASN A 146 -1.35 -4.98 2.10
N ILE A 147 -0.21 -4.85 2.73
CA ILE A 147 0.95 -5.70 2.46
C ILE A 147 1.17 -6.50 3.73
N LEU A 148 1.08 -7.81 3.66
CA LEU A 148 1.16 -8.64 4.86
C LEU A 148 2.36 -9.58 4.77
N PHE A 149 2.99 -9.83 5.90
CA PHE A 149 4.00 -10.86 6.03
C PHE A 149 3.40 -12.24 5.96
N VAL A 150 4.12 -13.14 5.31
CA VAL A 150 3.77 -14.55 5.21
C VAL A 150 3.81 -15.20 6.61
N GLN A 151 4.89 -14.96 7.34
CA GLN A 151 4.98 -15.32 8.77
C GLN A 151 5.60 -14.10 9.41
N SER A 152 5.06 -13.67 10.54
CA SER A 152 5.61 -12.52 11.30
C SER A 152 6.43 -12.91 12.58
N ASP A 153 6.89 -14.16 12.64
CA ASP A 153 7.85 -14.63 13.65
C ASP A 153 9.10 -13.73 13.63
N TYR A 154 9.60 -13.40 14.82
CA TYR A 154 10.73 -12.49 14.95
C TYR A 154 11.71 -12.97 16.05
N THR A 155 12.97 -12.58 15.90
CA THR A 155 13.94 -12.66 17.00
C THR A 155 14.04 -11.29 17.62
N GLU A 156 14.64 -11.29 18.80
CA GLU A 156 14.80 -10.10 19.59
C GLU A 156 16.21 -10.01 20.20
N ALA A 157 16.80 -8.82 20.17
CA ALA A 157 18.10 -8.57 20.80
C ALA A 157 18.07 -7.13 21.27
N TYR A 158 18.88 -6.83 22.28
CA TYR A 158 19.10 -5.46 22.68
C TYR A 158 19.87 -4.72 21.57
N ASN A 159 19.42 -3.51 21.19
CA ASN A 159 20.18 -2.62 20.28
C ASN A 159 20.72 -1.40 21.04
N PRO A 160 22.05 -1.37 21.30
CA PRO A 160 22.60 -0.31 22.17
C PRO A 160 22.53 1.08 21.56
N LYS A 161 22.47 1.17 20.23
CA LYS A 161 22.27 2.44 19.51
C LYS A 161 21.06 3.22 20.06
N ILE A 162 19.94 2.51 20.20
CA ILE A 162 18.66 3.09 20.63
C ILE A 162 18.40 2.85 22.09
N LYS A 163 19.15 1.95 22.72
CA LYS A 163 19.06 1.66 24.16
C LYS A 163 17.80 0.82 24.54
N ARG A 164 17.26 0.05 23.59
CA ARG A 164 16.05 -0.74 23.85
C ARG A 164 16.04 -2.01 23.02
N ASP A 165 15.10 -2.91 23.33
CA ASP A 165 14.90 -4.13 22.55
C ASP A 165 14.25 -3.80 21.20
N GLU A 166 14.54 -4.65 20.23
CA GLU A 166 13.93 -4.57 18.90
C GLU A 166 13.73 -5.95 18.27
N ARG A 167 12.70 -5.99 17.42
CA ARG A 167 12.24 -7.20 16.80
C ARG A 167 12.74 -7.21 15.38
N THR A 168 13.34 -8.32 14.98
CA THR A 168 13.78 -8.58 13.62
C THR A 168 13.04 -9.79 13.08
N LEU A 169 12.38 -9.65 11.94
CA LEU A 169 11.67 -10.77 11.32
C LEU A 169 12.61 -11.88 10.92
N ILE A 170 12.21 -13.11 11.22
CA ILE A 170 12.92 -14.29 10.74
C ILE A 170 12.85 -14.28 9.19
N ASN A 171 11.64 -14.26 8.64
CA ASN A 171 11.40 -14.26 7.19
C ASN A 171 10.55 -13.00 6.81
N PRO A 172 11.09 -12.11 5.97
CA PRO A 172 10.41 -10.87 5.59
C PRO A 172 9.55 -10.93 4.35
N ASP A 173 9.31 -12.12 3.83
CA ASP A 173 8.47 -12.31 2.67
C ASP A 173 7.05 -11.73 2.88
N ILE A 174 6.54 -11.08 1.84
CA ILE A 174 5.22 -10.44 1.89
C ILE A 174 4.28 -11.03 0.85
N LYS A 175 2.98 -10.73 1.04
CA LYS A 175 1.99 -10.84 -0.04
C LYS A 175 1.16 -9.58 -0.10
N VAL A 176 0.59 -9.32 -1.27
CA VAL A 176 -0.28 -8.19 -1.45
C VAL A 176 -1.71 -8.75 -1.37
N VAL A 177 -2.55 -8.09 -0.57
CA VAL A 177 -3.92 -8.45 -0.38
C VAL A 177 -4.76 -7.23 -0.76
N ASP A 178 -6.05 -7.47 -0.69
CA ASP A 178 -7.11 -6.53 -1.02
C ASP A 178 -7.21 -6.06 -2.49
N PHE A 179 -7.91 -6.86 -3.29
CA PHE A 179 -8.13 -6.54 -4.67
C PHE A 179 -9.53 -6.00 -4.90
N GLY A 180 -10.18 -5.53 -3.81
CA GLY A 180 -11.52 -4.96 -3.89
C GLY A 180 -11.67 -3.70 -4.72
N SER A 181 -10.59 -2.96 -4.91
CA SER A 181 -10.65 -1.73 -5.69
C SER A 181 -9.90 -1.89 -7.01
N ALA A 182 -9.33 -3.04 -7.24
CA ALA A 182 -8.49 -3.24 -8.41
C ALA A 182 -9.31 -3.09 -9.68
N THR A 183 -8.72 -2.49 -10.71
CA THR A 183 -9.54 -1.97 -11.83
C THR A 183 -8.81 -2.38 -13.12
N TYR A 184 -9.51 -3.07 -14.00
CA TYR A 184 -9.03 -3.41 -15.34
C TYR A 184 -8.99 -2.16 -16.23
N ASP A 185 -8.11 -2.17 -17.22
CA ASP A 185 -7.92 -1.03 -18.15
C ASP A 185 -9.20 -0.59 -18.81
N ASP A 186 -10.01 -1.55 -19.26
CA ASP A 186 -11.26 -1.23 -19.97
C ASP A 186 -12.50 -0.97 -19.08
N GLU A 187 -12.36 -1.02 -17.75
CA GLU A 187 -13.49 -0.76 -16.84
C GLU A 187 -13.61 0.68 -16.41
N HIS A 188 -14.74 1.01 -15.82
CA HIS A 188 -14.91 2.30 -15.14
C HIS A 188 -13.82 2.57 -14.10
N HIS A 189 -13.25 3.77 -14.20
CA HIS A 189 -12.23 4.29 -13.27
C HIS A 189 -12.89 5.25 -12.26
N SER A 190 -12.99 4.84 -11.00
CA SER A 190 -13.49 5.77 -9.97
C SER A 190 -12.78 7.15 -9.98
N THR A 191 -13.53 8.20 -9.69
CA THR A 191 -12.96 9.56 -9.53
C THR A 191 -11.81 9.68 -8.54
N LEU A 192 -11.96 9.09 -7.35
CA LEU A 192 -11.04 9.24 -6.28
C LEU A 192 -10.62 7.84 -5.88
N VAL A 193 -9.34 7.54 -5.99
CA VAL A 193 -8.81 6.28 -5.50
C VAL A 193 -7.72 6.48 -4.46
N SER A 194 -7.28 5.37 -3.86
CA SER A 194 -6.18 5.36 -2.89
C SER A 194 -6.55 5.95 -1.53
N THR A 195 -5.76 5.60 -0.52
CA THR A 195 -5.90 6.17 0.84
C THR A 195 -5.00 7.41 0.83
N ARG A 196 -5.43 8.48 1.47
CA ARG A 196 -4.88 9.81 1.22
C ARG A 196 -3.35 9.91 1.22
N HIS A 197 -2.68 9.34 2.20
CA HIS A 197 -1.24 9.53 2.27
C HIS A 197 -0.44 8.84 1.12
N TYR A 198 -1.10 7.97 0.37
CA TYR A 198 -0.45 7.19 -0.72
C TYR A 198 -1.03 7.59 -2.06
N ARG A 199 -1.81 8.67 -2.07
CA ARG A 199 -2.55 9.09 -3.24
C ARG A 199 -1.74 9.94 -4.18
N ALA A 200 -1.76 9.60 -5.47
CA ALA A 200 -0.90 10.31 -6.46
C ALA A 200 -1.50 11.64 -6.83
N PRO A 201 -0.68 12.57 -7.39
CA PRO A 201 -1.18 13.92 -7.69
C PRO A 201 -2.18 14.06 -8.82
N GLU A 202 -2.06 13.17 -9.81
CA GLU A 202 -3.07 13.04 -10.88
C GLU A 202 -4.46 12.73 -10.31
N VAL A 203 -4.48 11.95 -9.24
CA VAL A 203 -5.75 11.62 -8.56
C VAL A 203 -6.26 12.82 -7.84
N ILE A 204 -5.42 13.46 -7.02
CA ILE A 204 -5.77 14.68 -6.30
C ILE A 204 -6.30 15.74 -7.27
N LEU A 205 -5.65 15.90 -8.43
CA LEU A 205 -6.09 16.91 -9.42
C LEU A 205 -7.13 16.44 -10.44
N ALA A 206 -7.63 15.21 -10.27
CA ALA A 206 -8.66 14.64 -11.11
C ALA A 206 -8.30 14.72 -12.60
N LEU A 207 -7.09 14.32 -12.96
CA LEU A 207 -6.70 14.30 -14.37
C LEU A 207 -6.92 12.92 -14.99
N GLY A 208 -7.49 11.98 -14.24
CA GLY A 208 -7.52 10.58 -14.62
C GLY A 208 -6.25 9.89 -14.25
N TRP A 209 -6.31 8.57 -14.13
CA TRP A 209 -5.20 7.76 -13.65
C TRP A 209 -5.14 6.38 -14.31
N SER A 210 -4.02 5.69 -14.14
CA SER A 210 -3.85 4.30 -14.59
C SER A 210 -2.78 3.67 -13.75
N GLN A 211 -2.02 2.69 -14.29
CA GLN A 211 -1.02 1.99 -13.53
C GLN A 211 -0.02 2.91 -12.76
N PRO A 212 0.44 4.03 -13.36
CA PRO A 212 1.38 4.85 -12.62
C PRO A 212 0.88 5.31 -11.20
N CYS A 213 -0.42 5.43 -10.94
CA CYS A 213 -0.81 5.81 -9.56
C CYS A 213 -0.38 4.81 -8.51
N ASP A 214 -0.24 3.55 -8.89
CA ASP A 214 0.27 2.54 -7.97
C ASP A 214 1.73 2.75 -7.68
N VAL A 215 2.50 3.19 -8.68
CA VAL A 215 3.91 3.45 -8.49
C VAL A 215 4.11 4.60 -7.43
N TRP A 216 3.30 5.63 -7.47
CA TRP A 216 3.41 6.73 -6.53
C TRP A 216 3.15 6.15 -5.11
N SER A 217 2.12 5.33 -5.03
CA SER A 217 1.74 4.68 -3.75
C SER A 217 2.89 3.90 -3.21
N ILE A 218 3.53 3.10 -4.05
CA ILE A 218 4.73 2.34 -3.63
C ILE A 218 5.86 3.26 -3.13
N GLY A 219 6.08 4.37 -3.83
CA GLY A 219 7.09 5.32 -3.38
C GLY A 219 6.83 5.84 -1.97
N CYS A 220 5.56 6.16 -1.74
CA CYS A 220 5.14 6.61 -0.43
C CYS A 220 5.33 5.54 0.61
N ILE A 221 5.00 4.29 0.26
CA ILE A 221 5.15 3.17 1.19
C ILE A 221 6.62 2.98 1.62
N LEU A 222 7.52 3.01 0.63
CA LEU A 222 8.90 2.78 0.92
C LEU A 222 9.48 3.85 1.86
N ILE A 223 9.15 5.12 1.68
CA ILE A 223 9.54 6.17 2.61
C ILE A 223 9.11 5.82 4.03
N GLU A 224 7.84 5.40 4.18
CA GLU A 224 7.34 5.04 5.51
C GLU A 224 8.10 3.88 6.11
N TYR A 225 8.51 2.92 5.29
CA TYR A 225 9.23 1.78 5.84
C TYR A 225 10.62 2.23 6.35
N TYR A 226 11.19 3.17 5.63
CA TYR A 226 12.50 3.73 5.91
C TYR A 226 12.53 4.66 7.11
N LEU A 227 11.49 5.49 7.26
CA LEU A 227 11.41 6.48 8.36
C LEU A 227 10.62 5.98 9.59
N GLY A 228 9.61 5.15 9.34
CA GLY A 228 8.65 4.73 10.36
C GLY A 228 7.47 5.68 10.50
N PHE A 229 7.39 6.70 9.64
CA PHE A 229 6.30 7.67 9.64
C PHE A 229 6.05 8.20 8.24
N THR A 230 4.85 8.75 8.00
CA THR A 230 4.56 9.40 6.70
C THR A 230 5.25 10.71 6.57
N VAL A 231 5.63 11.08 5.35
CA VAL A 231 6.05 12.43 5.06
C VAL A 231 4.89 13.32 4.72
N PHE A 232 3.67 12.77 4.66
CA PHE A 232 2.50 13.58 4.34
C PHE A 232 1.45 13.55 5.51
N PRO A 233 1.80 14.11 6.67
CA PRO A 233 0.90 14.04 7.88
C PRO A 233 -0.25 15.04 7.75
N THR A 234 -1.20 14.71 6.90
CA THR A 234 -2.24 15.64 6.46
C THR A 234 -3.57 14.95 6.27
N HIS A 235 -4.63 15.73 6.31
CA HIS A 235 -5.96 15.26 5.98
C HIS A 235 -6.68 16.30 5.18
N ASP A 236 -5.94 17.10 4.40
CA ASP A 236 -6.53 18.14 3.60
C ASP A 236 -5.80 18.13 2.26
N SER A 237 -6.58 18.17 1.18
CA SER A 237 -6.04 18.11 -0.19
C SER A 237 -5.06 19.23 -0.54
N LYS A 238 -5.41 20.49 -0.26
CA LYS A 238 -4.56 21.59 -0.65
C LYS A 238 -3.24 21.58 0.14
N GLU A 239 -3.34 21.29 1.43
CA GLU A 239 -2.18 21.07 2.24
C GLU A 239 -1.29 19.93 1.75
N HIS A 240 -1.90 18.83 1.32
CA HIS A 240 -1.14 17.64 0.87
C HIS A 240 -0.27 18.10 -0.34
N LEU A 241 -0.86 18.87 -1.21
CA LEU A 241 -0.10 19.45 -2.34
C LEU A 241 0.99 20.43 -1.95
N ALA A 242 0.73 21.30 -0.96
CA ALA A 242 1.84 22.13 -0.41
C ALA A 242 2.96 21.27 0.14
N MET A 243 2.62 20.16 0.80
CA MET A 243 3.65 19.28 1.32
C MET A 243 4.47 18.65 0.14
N MET A 244 3.77 18.24 -0.89
CA MET A 244 4.46 17.71 -2.11
C MET A 244 5.46 18.76 -2.62
N GLU A 245 5.01 20.00 -2.74
CA GLU A 245 5.87 21.05 -3.27
C GLU A 245 7.05 21.33 -2.41
N ARG A 246 6.86 21.33 -1.10
CA ARG A 246 7.99 21.38 -0.19
C ARG A 246 9.01 20.21 -0.32
N ILE A 247 8.55 18.97 -0.51
CA ILE A 247 9.42 17.79 -0.55
C ILE A 247 10.02 17.57 -1.96
N LEU A 248 9.25 17.92 -2.98
CA LEU A 248 9.57 17.56 -4.38
C LEU A 248 9.71 18.73 -5.33
N GLY A 249 9.45 19.94 -4.88
CA GLY A 249 9.41 21.06 -5.79
C GLY A 249 8.07 21.36 -6.39
N PRO A 250 8.01 22.42 -7.18
CA PRO A 250 6.76 22.90 -7.70
C PRO A 250 6.11 21.86 -8.58
N LEU A 251 4.79 21.86 -8.58
CA LEU A 251 4.02 21.04 -9.46
C LEU A 251 4.28 21.54 -10.87
N PRO A 252 4.39 20.61 -11.83
CA PRO A 252 4.50 21.03 -13.25
C PRO A 252 3.34 21.84 -13.72
N LYS A 253 3.65 22.87 -14.46
CA LYS A 253 2.66 23.79 -14.97
C LYS A 253 1.51 23.14 -15.78
N HIS A 254 1.82 22.16 -16.61
CA HIS A 254 0.82 21.55 -17.47
C HIS A 254 -0.27 20.87 -16.65
N MET A 255 0.13 20.21 -15.56
CA MET A 255 -0.83 19.60 -14.65
C MET A 255 -1.73 20.67 -14.06
N ILE A 256 -1.11 21.76 -13.61
CA ILE A 256 -1.90 22.85 -13.05
C ILE A 256 -2.87 23.44 -14.07
N GLN A 257 -2.47 23.61 -15.32
CA GLN A 257 -3.44 24.16 -16.31
C GLN A 257 -4.61 23.24 -16.68
N LYS A 258 -4.37 21.94 -16.66
CA LYS A 258 -5.35 20.93 -17.01
C LYS A 258 -6.43 20.74 -15.90
N THR A 259 -6.05 20.86 -14.63
CA THR A 259 -6.96 20.52 -13.52
C THR A 259 -8.13 21.45 -13.49
N ARG A 260 -9.27 20.91 -13.08
CA ARG A 260 -10.41 21.77 -12.72
C ARG A 260 -10.55 21.99 -11.20
N LYS A 261 -9.58 21.54 -10.39
CA LYS A 261 -9.62 21.78 -8.93
C LYS A 261 -9.12 23.21 -8.68
N ARG A 262 -9.85 24.21 -9.20
CA ARG A 262 -9.34 25.59 -9.26
C ARG A 262 -9.27 26.23 -7.87
N LYS A 263 -10.09 25.73 -6.94
CA LYS A 263 -9.97 26.10 -5.53
C LYS A 263 -8.54 25.99 -4.96
N TYR A 264 -7.72 25.04 -5.44
CA TYR A 264 -6.33 24.89 -4.94
C TYR A 264 -5.32 25.88 -5.50
N PHE A 265 -5.72 26.69 -6.48
CA PHE A 265 -4.78 27.48 -7.28
C PHE A 265 -5.15 28.93 -7.38
N HIS A 266 -4.12 29.78 -7.47
CA HIS A 266 -4.28 31.22 -7.67
C HIS A 266 -3.25 31.61 -8.71
N HIS A 267 -3.72 32.31 -9.76
CA HIS A 267 -2.99 32.38 -11.01
C HIS A 267 -2.64 30.94 -11.39
N ASP A 268 -1.41 30.62 -11.73
CA ASP A 268 -1.09 29.23 -12.09
C ASP A 268 -0.13 28.69 -11.05
N ARG A 269 -0.41 29.02 -9.77
CA ARG A 269 0.39 28.60 -8.62
C ARG A 269 -0.49 28.07 -7.48
N LEU A 270 0.07 27.20 -6.65
CA LEU A 270 -0.70 26.68 -5.50
C LEU A 270 -1.05 27.86 -4.56
N ASP A 271 -2.32 28.00 -4.24
CA ASP A 271 -2.80 29.12 -3.45
C ASP A 271 -2.50 28.86 -1.97
N TRP A 272 -1.25 29.12 -1.59
CA TRP A 272 -0.72 28.67 -0.32
C TRP A 272 0.16 29.77 0.32
N ASP A 273 -0.24 30.21 1.49
CA ASP A 273 0.50 31.15 2.33
C ASP A 273 1.48 30.43 3.31
N GLU A 274 2.78 30.48 3.02
CA GLU A 274 3.82 29.83 3.88
C GLU A 274 3.86 30.37 5.30
N HIS A 275 3.42 31.62 5.44
CA HIS A 275 3.40 32.36 6.73
C HIS A 275 2.16 32.14 7.57
N SER A 276 1.15 31.46 7.03
CA SER A 276 0.02 31.05 7.86
C SER A 276 0.40 29.93 8.80
N SER A 277 -0.48 29.69 9.74
CA SER A 277 -0.31 28.58 10.67
C SER A 277 -0.09 27.20 9.98
N ALA A 278 -0.95 26.90 9.03
CA ALA A 278 -0.77 25.67 8.24
C ALA A 278 0.56 25.68 7.46
N GLY A 279 0.92 26.85 6.92
CA GLY A 279 2.21 27.06 6.29
C GLY A 279 3.38 26.74 7.15
N ARG A 280 3.36 27.22 8.38
CA ARG A 280 4.38 26.84 9.38
C ARG A 280 4.40 25.39 9.72
N TYR A 281 3.22 24.77 9.82
CA TYR A 281 3.14 23.32 10.05
C TYR A 281 3.84 22.56 8.92
N VAL A 282 3.52 22.93 7.69
CA VAL A 282 4.16 22.24 6.55
C VAL A 282 5.68 22.44 6.58
N SER A 283 6.11 23.68 6.76
CA SER A 283 7.54 24.00 6.78
C SER A 283 8.26 23.25 7.88
N ARG A 284 7.62 23.07 9.03
CA ARG A 284 8.18 22.26 10.13
C ARG A 284 8.31 20.77 9.80
N ARG A 285 7.29 20.19 9.19
CA ARG A 285 7.24 18.75 9.10
C ARG A 285 7.86 18.22 7.79
N CYS A 286 7.94 19.05 6.79
CA CYS A 286 8.28 18.63 5.45
C CYS A 286 9.52 19.41 5.03
N LYS A 287 10.33 18.74 4.22
CA LYS A 287 11.56 19.29 3.71
C LYS A 287 11.95 18.51 2.47
N PRO A 288 12.88 19.05 1.67
CA PRO A 288 13.27 18.38 0.42
C PRO A 288 13.59 16.94 0.67
N LEU A 289 13.04 16.08 -0.21
CA LEU A 289 13.18 14.63 -0.07
C LEU A 289 14.49 14.12 0.42
N LYS A 290 15.59 14.51 -0.26
CA LYS A 290 16.90 13.91 0.09
C LYS A 290 17.38 14.23 1.51
N GLU A 291 16.80 15.27 2.11
CA GLU A 291 17.10 15.60 3.49
C GLU A 291 16.57 14.58 4.49
N PHE A 292 15.66 13.66 4.11
CA PHE A 292 15.21 12.62 5.06
C PHE A 292 16.17 11.47 5.14
N MET A 293 17.14 11.42 4.24
CA MET A 293 18.08 10.29 4.26
C MET A 293 18.78 10.15 5.59
N LEU A 294 18.86 8.94 6.12
CA LEU A 294 19.52 8.69 7.38
C LEU A 294 21.05 8.42 7.22
N SER A 295 21.52 8.05 6.03
CA SER A 295 22.96 7.95 5.75
C SER A 295 23.22 8.41 4.32
N GLN A 296 24.49 8.66 4.03
CA GLN A 296 24.92 9.05 2.68
C GLN A 296 25.56 7.91 1.85
N ASP A 297 25.72 6.71 2.41
CA ASP A 297 26.31 5.62 1.64
C ASP A 297 25.45 5.24 0.46
N VAL A 298 26.07 4.54 -0.47
CA VAL A 298 25.52 4.39 -1.79
C VAL A 298 24.16 3.63 -1.82
N GLU A 299 24.02 2.62 -0.96
CA GLU A 299 22.77 1.86 -0.83
C GLU A 299 21.60 2.82 -0.55
N HIS A 300 21.83 3.75 0.38
CA HIS A 300 20.82 4.75 0.72
C HIS A 300 20.55 5.71 -0.45
N GLU A 301 21.56 6.20 -1.19
CA GLU A 301 21.34 7.08 -2.33
C GLU A 301 20.56 6.40 -3.46
N ARG A 302 20.73 5.11 -3.59
CA ARG A 302 20.03 4.37 -4.61
C ARG A 302 18.57 4.15 -4.24
N LEU A 303 18.32 3.78 -2.99
CA LEU A 303 16.92 3.69 -2.52
C LEU A 303 16.29 5.00 -2.79
N PHE A 304 16.97 6.09 -2.44
CA PHE A 304 16.39 7.40 -2.67
C PHE A 304 16.31 7.84 -4.06
N ASP A 305 17.21 7.32 -4.91
CA ASP A 305 17.04 7.53 -6.32
C ASP A 305 15.73 6.85 -6.89
N LEU A 306 15.46 5.64 -6.46
CA LEU A 306 14.24 4.92 -6.88
C LEU A 306 12.96 5.69 -6.42
N ILE A 307 12.98 6.05 -5.13
CA ILE A 307 11.85 6.74 -4.51
C ILE A 307 11.53 7.98 -5.27
N GLN A 308 12.56 8.74 -5.62
CA GLN A 308 12.34 9.94 -6.31
C GLN A 308 11.77 9.68 -7.67
N LYS A 309 12.23 8.63 -8.34
CA LYS A 309 11.64 8.29 -9.65
C LYS A 309 10.18 7.84 -9.52
N MET A 310 9.85 7.16 -8.43
CA MET A 310 8.43 6.76 -8.20
C MET A 310 7.58 7.99 -7.84
N LEU A 311 8.21 9.01 -7.23
CA LEU A 311 7.47 10.23 -6.92
C LEU A 311 7.67 11.33 -7.91
N GLU A 312 7.96 10.95 -9.14
CA GLU A 312 7.81 11.90 -10.25
C GLU A 312 6.34 12.36 -10.38
N TYR A 313 6.12 13.68 -10.41
CA TYR A 313 4.81 14.26 -10.58
C TYR A 313 3.98 13.83 -11.82
N ASP A 314 4.63 13.83 -13.00
CA ASP A 314 3.96 13.50 -14.27
C ASP A 314 3.84 11.99 -14.45
N PRO A 315 2.62 11.45 -14.41
CA PRO A 315 2.49 9.98 -14.45
C PRO A 315 3.11 9.37 -15.75
N ALA A 316 3.04 10.15 -16.82
CA ALA A 316 3.72 9.88 -18.09
C ALA A 316 5.22 9.77 -17.95
N LYS A 317 5.83 10.56 -17.07
CA LYS A 317 7.26 10.39 -16.86
C LYS A 317 7.65 9.43 -15.79
N ARG A 318 6.72 9.00 -14.94
CA ARG A 318 7.12 8.25 -13.75
C ARG A 318 7.73 6.92 -14.13
N ILE A 319 8.67 6.42 -13.34
CA ILE A 319 9.22 5.11 -13.55
C ILE A 319 8.09 4.04 -13.58
N THR A 320 8.24 2.99 -14.40
CA THR A 320 7.28 1.85 -14.44
C THR A 320 7.86 0.83 -13.55
N LEU A 321 7.06 -0.14 -13.08
CA LEU A 321 7.57 -1.15 -12.20
C LEU A 321 8.50 -2.11 -12.94
N ARG A 322 8.28 -2.31 -14.24
CA ARG A 322 9.24 -3.16 -15.02
C ARG A 322 10.64 -2.53 -14.99
N GLU A 323 10.68 -1.21 -15.19
CA GLU A 323 11.94 -0.43 -15.03
C GLU A 323 12.40 -0.43 -13.56
N ALA A 324 11.49 -0.27 -12.59
CA ALA A 324 11.90 -0.34 -11.17
C ALA A 324 12.58 -1.65 -10.78
N LEU A 325 12.06 -2.75 -11.30
CA LEU A 325 12.62 -4.05 -10.99
C LEU A 325 14.10 -4.23 -11.44
N LYS A 326 14.58 -3.44 -12.38
CA LYS A 326 16.02 -3.50 -12.78
C LYS A 326 16.90 -2.41 -12.12
N HIS A 327 16.30 -1.55 -11.29
CA HIS A 327 17.03 -0.49 -10.60
C HIS A 327 18.15 -1.04 -9.76
N PRO A 328 19.31 -0.35 -9.74
CA PRO A 328 20.47 -0.79 -9.01
C PRO A 328 20.27 -1.14 -7.54
N PHE A 329 19.37 -0.41 -6.89
CA PHE A 329 18.98 -0.71 -5.50
C PHE A 329 18.76 -2.19 -5.22
N PHE A 330 18.23 -2.88 -6.23
CA PHE A 330 17.94 -4.33 -6.15
C PHE A 330 19.11 -5.36 -6.37
N ASP A 331 20.29 -4.91 -6.77
CA ASP A 331 21.37 -5.87 -7.07
C ASP A 331 21.86 -6.72 -5.95
N LEU A 332 21.94 -6.18 -4.73
CA LEU A 332 22.33 -7.04 -3.60
C LEU A 332 21.46 -8.27 -3.36
N LEU A 333 20.34 -8.38 -4.08
CA LEU A 333 19.57 -9.63 -4.12
C LEU A 333 20.04 -10.63 -5.20
N LYS A 334 21.16 -10.38 -5.91
CA LYS A 334 21.58 -11.19 -7.10
C LYS A 334 22.74 -12.11 -6.86
C4 JQW B . -5.81 -11.47 5.02
C5 JQW B . -5.64 -12.62 4.25
C6 JQW B . -4.94 -13.68 4.75
N1 JQW B . -4.40 -13.62 6.04
N3 JQW B . -5.24 -11.46 6.22
CL1 JQW B . -8.64 -6.18 3.01
CAD JQW B . -7.72 -7.16 4.39
CAC JQW B . -7.45 -6.64 5.66
CL2 JQW B . -7.92 -5.09 5.94
CAB JQW B . -6.75 -7.40 6.65
CAA JQW B . -6.36 -8.70 6.33
CAF JQW B . -6.66 -9.18 5.10
CAE JQW B . -7.32 -8.41 4.18
NAG JQW B . -7.52 -9.09 3.07
CAH JQW B . -6.99 -10.29 3.25
CAI JQW B . -6.47 -10.37 4.51
C2 JQW B . -4.58 -12.50 6.72
NAP JQW B . -4.06 -12.44 7.91
#